data_6DUN
#
_entry.id   6DUN
#
_cell.length_a   117.270
_cell.length_b   36.210
_cell.length_c   51.590
_cell.angle_alpha   90.000
_cell.angle_beta   100.750
_cell.angle_gamma   90.000
#
_symmetry.space_group_name_H-M   'C 1 2 1'
#
loop_
_entity.id
_entity.type
_entity.pdbx_description
1 polymer 'Peptidyl-prolyl cis-trans isomerase NIMA-interacting 1'
2 non-polymer TRIHYDROXYARSENITE(III)
3 water water
#
_entity_poly.entity_id   1
_entity_poly.type   'polypeptide(L)'
_entity_poly.pdbx_seq_one_letter_code
;GSHMKNGQGEPARVRCSHLLVKHSQSRRPSSWRQEQITRTQEEALELINGYIQKIKSGEEDFESLASQFSDCSSAKARGD
LGAFSRGQMQKPFEDASFALRTGEMSGPVFTDSGIHIILRTE
;
_entity_poly.pdbx_strand_id   A,B
#
# COMPACT_ATOMS: atom_id res chain seq x y z
N GLN A 8 -13.66 -17.93 -15.34
CA GLN A 8 -14.86 -18.63 -15.80
C GLN A 8 -15.34 -19.58 -14.71
N GLY A 9 -16.65 -19.51 -14.40
CA GLY A 9 -17.25 -20.39 -13.42
C GLY A 9 -17.10 -19.94 -11.98
N GLU A 10 -16.43 -18.83 -11.75
CA GLU A 10 -16.20 -18.32 -10.40
C GLU A 10 -17.50 -18.34 -9.60
N PRO A 11 -17.44 -18.64 -8.30
CA PRO A 11 -18.66 -18.54 -7.49
C PRO A 11 -19.16 -17.12 -7.48
N ALA A 12 -20.49 -16.98 -7.40
CA ALA A 12 -21.08 -15.65 -7.32
C ALA A 12 -20.67 -14.95 -6.04
N ARG A 13 -20.46 -15.68 -4.96
CA ARG A 13 -20.11 -15.08 -3.69
C ARG A 13 -19.02 -15.88 -3.01
N VAL A 14 -18.22 -15.18 -2.21
CA VAL A 14 -17.33 -15.83 -1.26
C VAL A 14 -17.71 -15.32 0.13
N ARG A 15 -17.26 -16.03 1.14
CA ARG A 15 -17.44 -15.60 2.52
C ARG A 15 -16.06 -15.46 3.13
N CYS A 16 -15.84 -14.36 3.83
CA CYS A 16 -14.53 -14.12 4.42
C CYS A 16 -14.70 -13.59 5.84
N SER A 17 -13.72 -13.93 6.66
CA SER A 17 -13.41 -13.24 7.88
C SER A 17 -12.15 -12.41 7.66
N HIS A 18 -12.00 -11.35 8.43
CA HIS A 18 -10.78 -10.57 8.31
C HIS A 18 -10.43 -9.93 9.64
N LEU A 19 -9.17 -9.49 9.72
CA LEU A 19 -8.67 -8.72 10.83
C LEU A 19 -8.11 -7.44 10.22
N LEU A 20 -8.69 -6.30 10.59
CA LEU A 20 -8.31 -4.99 10.08
C LEU A 20 -7.47 -4.28 11.14
N VAL A 21 -6.33 -3.74 10.72
CA VAL A 21 -5.58 -2.81 11.55
C VAL A 21 -5.57 -1.48 10.83
N LYS A 22 -6.23 -0.49 11.42
CA LYS A 22 -6.29 0.82 10.83
C LYS A 22 -5.02 1.62 11.17
N HIS A 23 -4.87 2.75 10.51
CA HIS A 23 -3.74 3.62 10.77
C HIS A 23 -4.20 5.05 10.52
N SER A 24 -3.29 5.98 10.77
CA SER A 24 -3.66 7.39 10.75
C SER A 24 -4.12 7.85 9.37
N GLN A 25 -3.82 7.11 8.30
CA GLN A 25 -4.29 7.46 6.97
C GLN A 25 -5.42 6.56 6.49
N SER A 26 -6.04 5.79 7.37
CA SER A 26 -7.30 5.13 7.05
C SER A 26 -8.38 6.17 6.74
N ARG A 27 -9.35 5.76 5.91
CA ARG A 27 -10.48 6.62 5.59
C ARG A 27 -11.17 7.14 6.86
N ARG A 28 -11.34 6.28 7.85
CA ARG A 28 -11.93 6.66 9.13
C ARG A 28 -11.00 6.17 10.22
N PRO A 29 -10.07 7.04 10.70
CA PRO A 29 -9.07 6.61 11.69
C PRO A 29 -9.64 6.57 13.10
N SER A 30 -10.66 5.73 13.28
CA SER A 30 -11.35 5.55 14.53
C SER A 30 -11.97 4.17 14.48
N SER A 31 -12.12 3.55 15.65
CA SER A 31 -12.73 2.22 15.73
C SER A 31 -13.30 2.04 17.13
N TRP A 32 -13.98 0.90 17.32
CA TRP A 32 -14.46 0.55 18.65
C TRP A 32 -13.33 0.46 19.66
N ARG A 33 -12.09 0.29 19.19
CA ARG A 33 -10.94 0.19 20.09
C ARG A 33 -10.40 1.56 20.48
N GLN A 34 -10.44 2.52 19.56
CA GLN A 34 -9.82 3.82 19.77
C GLN A 34 -10.60 4.89 19.04
N GLU A 35 -10.96 5.95 19.76
CA GLU A 35 -11.63 7.09 19.13
C GLU A 35 -10.73 7.72 18.08
N GLN A 36 -9.43 7.73 18.31
CA GLN A 36 -8.47 8.28 17.36
C GLN A 36 -7.36 7.27 17.17
N ILE A 37 -7.21 6.77 15.95
CA ILE A 37 -6.16 5.82 15.63
C ILE A 37 -4.97 6.61 15.12
N THR A 38 -3.87 6.59 15.88
CA THR A 38 -2.70 7.41 15.58
C THR A 38 -1.51 6.62 15.07
N ARG A 39 -1.56 5.29 15.08
CA ARG A 39 -0.44 4.52 14.57
C ARG A 39 -0.23 4.78 13.09
N THR A 40 1.01 4.68 12.66
CA THR A 40 1.31 4.87 11.25
C THR A 40 1.01 3.60 10.47
N GLN A 41 0.95 3.76 9.15
CA GLN A 41 0.71 2.60 8.31
C GLN A 41 1.78 1.55 8.52
N GLU A 42 3.03 1.97 8.70
CA GLU A 42 4.10 1.01 8.95
C GLU A 42 3.90 0.28 10.27
N GLU A 43 3.45 1.00 11.30
CA GLU A 43 3.15 0.35 12.58
C GLU A 43 1.99 -0.63 12.45
N ALA A 44 0.96 -0.27 11.66
CA ALA A 44 -0.11 -1.22 11.41
C ALA A 44 0.42 -2.47 10.71
N LEU A 45 1.32 -2.29 9.74
CA LEU A 45 1.86 -3.45 9.05
C LEU A 45 2.66 -4.35 9.99
N GLU A 46 3.43 -3.74 10.89
CA GLU A 46 4.15 -4.52 11.90
C GLU A 46 3.19 -5.33 12.74
N LEU A 47 2.08 -4.72 13.17
CA LEU A 47 1.09 -5.44 13.96
C LEU A 47 0.48 -6.58 13.16
N ILE A 48 0.07 -6.30 11.92
CA ILE A 48 -0.48 -7.32 11.03
C ILE A 48 0.47 -8.51 10.91
N ASN A 49 1.77 -8.23 10.68
CA ASN A 49 2.71 -9.32 10.50
C ASN A 49 2.88 -10.10 11.79
N GLY A 50 2.79 -9.41 12.92
CA GLY A 50 2.79 -10.11 14.21
C GLY A 50 1.59 -11.00 14.37
N TYR A 51 0.40 -10.54 13.96
CA TYR A 51 -0.78 -11.39 14.04
C TYR A 51 -0.66 -12.60 13.12
N ILE A 52 -0.15 -12.39 11.90
CA ILE A 52 0.05 -13.49 10.96
C ILE A 52 0.96 -14.55 11.58
N GLN A 53 2.07 -14.11 12.16
CA GLN A 53 3.01 -15.08 12.75
C GLN A 53 2.32 -15.86 13.86
N LYS A 54 1.55 -15.18 14.71
CA LYS A 54 0.85 -15.88 15.78
C LYS A 54 -0.11 -16.92 15.22
N ILE A 55 -0.76 -16.62 14.10
CA ILE A 55 -1.70 -17.57 13.50
C ILE A 55 -0.95 -18.73 12.85
N LYS A 56 0.14 -18.43 12.14
CA LYS A 56 0.89 -19.48 11.46
C LYS A 56 1.50 -20.46 12.45
N SER A 57 2.00 -19.96 13.58
CA SER A 57 2.60 -20.83 14.60
C SER A 57 1.56 -21.60 15.39
N GLY A 58 0.27 -21.32 15.21
CA GLY A 58 -0.76 -21.97 15.98
C GLY A 58 -0.93 -21.44 17.39
N GLU A 59 -0.17 -20.42 17.78
CA GLU A 59 -0.34 -19.88 19.13
C GLU A 59 -1.72 -19.25 19.32
N GLU A 60 -2.30 -18.69 18.26
CA GLU A 60 -3.58 -18.01 18.35
C GLU A 60 -4.46 -18.42 17.17
N ASP A 61 -5.77 -18.38 17.40
CA ASP A 61 -6.77 -18.63 16.36
C ASP A 61 -7.09 -17.34 15.62
N PHE A 62 -7.32 -17.45 14.30
CA PHE A 62 -7.61 -16.25 13.51
C PHE A 62 -8.81 -15.49 14.07
N GLU A 63 -9.92 -16.18 14.26
CA GLU A 63 -11.15 -15.51 14.68
C GLU A 63 -11.00 -14.96 16.09
N SER A 64 -10.22 -15.62 16.94
CA SER A 64 -10.01 -15.09 18.28
C SER A 64 -9.23 -13.78 18.23
N LEU A 65 -8.20 -13.72 17.38
CA LEU A 65 -7.45 -12.47 17.25
C LEU A 65 -8.33 -11.38 16.64
N ALA A 66 -9.13 -11.73 15.63
CA ALA A 66 -9.99 -10.72 15.03
C ALA A 66 -10.98 -10.17 16.04
N SER A 67 -11.56 -11.04 16.88
CA SER A 67 -12.53 -10.55 17.85
C SER A 67 -11.89 -9.61 18.88
N GLN A 68 -10.59 -9.80 19.18
CA GLN A 68 -9.92 -8.96 20.17
C GLN A 68 -9.29 -7.70 19.58
N PHE A 69 -8.76 -7.80 18.36
CA PHE A 69 -7.82 -6.79 17.88
C PHE A 69 -8.20 -6.15 16.56
N SER A 70 -9.23 -6.63 15.87
CA SER A 70 -9.60 -6.00 14.60
C SER A 70 -10.25 -4.65 14.86
N ASP A 71 -9.83 -3.64 14.09
CA ASP A 71 -10.43 -2.31 14.15
C ASP A 71 -11.72 -2.21 13.34
N CYS A 72 -12.18 -3.29 12.74
CA CYS A 72 -13.46 -3.33 12.07
C CYS A 72 -14.55 -3.75 13.04
N SER A 73 -15.73 -3.14 12.90
CA SER A 73 -16.88 -3.54 13.70
C SER A 73 -17.22 -5.02 13.53
N SER A 74 -16.75 -5.66 12.46
CA SER A 74 -16.94 -7.10 12.32
C SER A 74 -16.17 -7.88 13.39
N ALA A 75 -15.32 -7.23 14.17
CA ALA A 75 -14.76 -7.89 15.34
C ALA A 75 -15.85 -8.52 16.19
N LYS A 76 -17.01 -7.85 16.28
CA LYS A 76 -18.12 -8.36 17.08
C LYS A 76 -18.60 -9.71 16.55
N ALA A 77 -18.43 -9.96 15.26
CA ALA A 77 -18.78 -11.22 14.63
C ALA A 77 -17.55 -12.11 14.47
N ARG A 78 -16.54 -11.92 15.31
CA ARG A 78 -15.29 -12.66 15.24
C ARG A 78 -14.64 -12.55 13.87
N GLY A 79 -14.80 -11.40 13.23
CA GLY A 79 -14.16 -11.12 11.95
C GLY A 79 -15.01 -11.41 10.74
N ASP A 80 -16.14 -12.07 10.92
CA ASP A 80 -16.95 -12.53 9.79
C ASP A 80 -17.62 -11.34 9.12
N LEU A 81 -17.38 -11.16 7.83
CA LEU A 81 -18.05 -10.13 7.04
C LEU A 81 -19.31 -10.64 6.37
N GLY A 82 -19.55 -11.95 6.40
CA GLY A 82 -20.62 -12.54 5.63
C GLY A 82 -20.18 -12.79 4.20
N ALA A 83 -21.13 -13.29 3.43
CA ALA A 83 -20.88 -13.60 2.04
C ALA A 83 -21.02 -12.35 1.19
N PHE A 84 -20.19 -12.23 0.17
CA PHE A 84 -20.29 -11.07 -0.70
C PHE A 84 -19.94 -11.45 -2.13
N SER A 85 -20.53 -10.72 -3.05
CA SER A 85 -20.27 -10.85 -4.47
C SER A 85 -19.26 -9.81 -4.90
N ARG A 86 -18.83 -9.93 -6.15
CA ARG A 86 -18.01 -8.88 -6.73
C ARG A 86 -18.81 -7.58 -6.79
N GLY A 87 -18.11 -6.47 -6.61
CA GLY A 87 -18.71 -5.15 -6.60
C GLY A 87 -19.23 -4.70 -5.26
N GLN A 88 -19.07 -5.51 -4.21
CA GLN A 88 -19.62 -5.17 -2.91
C GLN A 88 -18.56 -4.73 -1.90
N MET A 89 -17.32 -5.22 -2.04
CA MET A 89 -16.23 -4.79 -1.19
C MET A 89 -15.28 -3.93 -2.01
N GLN A 90 -14.42 -3.18 -1.31
CA GLN A 90 -13.42 -2.38 -2.00
C GLN A 90 -12.55 -3.27 -2.88
N LYS A 91 -12.16 -2.74 -4.03
CA LYS A 91 -11.52 -3.59 -5.04
C LYS A 91 -10.33 -4.36 -4.50
N PRO A 92 -9.38 -3.77 -3.75
CA PRO A 92 -8.24 -4.57 -3.28
C PRO A 92 -8.66 -5.72 -2.38
N PHE A 93 -9.67 -5.50 -1.54
CA PHE A 93 -10.14 -6.54 -0.65
C PHE A 93 -10.88 -7.62 -1.42
N GLU A 94 -11.73 -7.21 -2.36
CA GLU A 94 -12.44 -8.15 -3.20
C GLU A 94 -11.46 -9.04 -3.95
N ASP A 95 -10.46 -8.44 -4.59
CA ASP A 95 -9.55 -9.22 -5.40
C ASP A 95 -8.80 -10.22 -4.56
N ALA A 96 -8.33 -9.79 -3.39
CA ALA A 96 -7.60 -10.70 -2.51
C ALA A 96 -8.51 -11.83 -2.06
N SER A 97 -9.76 -11.52 -1.73
CA SER A 97 -10.69 -12.52 -1.23
C SER A 97 -10.99 -13.57 -2.29
N PHE A 98 -11.33 -13.14 -3.51
CA PHE A 98 -11.66 -14.10 -4.54
C PHE A 98 -10.44 -14.88 -5.03
N ALA A 99 -9.23 -14.36 -4.78
CA ALA A 99 -8.01 -15.08 -5.13
C ALA A 99 -7.65 -16.17 -4.14
N LEU A 100 -8.27 -16.19 -2.97
CA LEU A 100 -8.01 -17.22 -1.99
C LEU A 100 -8.82 -18.45 -2.34
N ARG A 101 -8.22 -19.61 -2.13
CA ARG A 101 -8.97 -20.85 -2.09
C ARG A 101 -9.68 -20.93 -0.76
N THR A 102 -10.75 -21.74 -0.70
CA THR A 102 -11.48 -21.86 0.55
C THR A 102 -10.55 -22.34 1.65
N GLY A 103 -10.59 -21.64 2.79
CA GLY A 103 -9.76 -21.98 3.93
C GLY A 103 -8.39 -21.35 3.91
N GLU A 104 -8.02 -20.64 2.86
CA GLU A 104 -6.73 -19.98 2.78
C GLU A 104 -6.77 -18.64 3.49
N MET A 105 -5.61 -18.23 4.01
CA MET A 105 -5.43 -16.94 4.62
C MET A 105 -4.48 -16.11 3.77
N SER A 106 -4.81 -14.83 3.62
CA SER A 106 -4.00 -13.92 2.84
C SER A 106 -2.79 -13.43 3.65
N GLY A 107 -1.86 -12.81 2.94
CA GLY A 107 -0.91 -11.92 3.57
C GLY A 107 -1.55 -10.55 3.75
N PRO A 108 -0.73 -9.54 4.06
CA PRO A 108 -1.27 -8.19 4.24
C PRO A 108 -1.97 -7.69 2.98
N VAL A 109 -3.20 -7.19 3.15
CA VAL A 109 -3.97 -6.57 2.08
C VAL A 109 -4.18 -5.10 2.44
N PHE A 110 -3.80 -4.20 1.53
CA PHE A 110 -3.86 -2.77 1.77
C PHE A 110 -5.10 -2.18 1.10
N THR A 111 -5.93 -1.51 1.87
CA THR A 111 -7.11 -0.85 1.37
C THR A 111 -7.20 0.55 1.93
N ASP A 112 -8.19 1.28 1.45
CA ASP A 112 -8.50 2.60 1.98
C ASP A 112 -8.87 2.54 3.45
N SER A 113 -9.30 1.38 3.95
CA SER A 113 -9.70 1.24 5.34
C SER A 113 -8.52 1.00 6.26
N GLY A 114 -7.45 0.40 5.77
CA GLY A 114 -6.33 0.00 6.58
C GLY A 114 -5.68 -1.24 5.98
N ILE A 115 -5.01 -2.00 6.82
CA ILE A 115 -4.37 -3.25 6.41
C ILE A 115 -5.15 -4.41 6.99
N HIS A 116 -5.37 -5.44 6.16
CA HIS A 116 -6.20 -6.57 6.53
C HIS A 116 -5.43 -7.87 6.41
N ILE A 117 -5.83 -8.83 7.23
CA ILE A 117 -5.61 -10.24 6.97
C ILE A 117 -6.97 -10.84 6.68
N ILE A 118 -7.06 -11.63 5.62
CA ILE A 118 -8.32 -12.19 5.15
C ILE A 118 -8.25 -13.71 5.24
N LEU A 119 -9.29 -14.31 5.78
CA LEU A 119 -9.45 -15.76 5.80
C LEU A 119 -10.71 -16.09 5.00
N ARG A 120 -10.56 -16.77 3.87
CA ARG A 120 -11.72 -17.18 3.10
C ARG A 120 -12.35 -18.39 3.77
N THR A 121 -13.62 -18.27 4.15
CA THR A 121 -14.28 -19.36 4.86
C THR A 121 -15.26 -20.14 3.98
N GLU A 122 -15.68 -19.58 2.86
CA GLU A 122 -16.54 -20.30 1.93
C GLU A 122 -16.35 -19.79 0.51
N GLY B 9 8.82 20.16 -29.49
CA GLY B 9 8.90 18.75 -29.11
C GLY B 9 8.58 18.54 -27.63
N GLU B 10 9.47 19.01 -26.77
CA GLU B 10 9.24 18.93 -25.33
C GLU B 10 7.97 19.70 -24.99
N PRO B 11 7.04 19.12 -24.24
CA PRO B 11 5.84 19.87 -23.85
C PRO B 11 6.17 20.93 -22.82
N ALA B 12 5.27 21.90 -22.69
CA ALA B 12 5.42 22.90 -21.62
C ALA B 12 5.42 22.23 -20.26
N ARG B 13 4.56 21.24 -20.07
CA ARG B 13 4.43 20.53 -18.81
C ARG B 13 4.21 19.05 -19.09
N VAL B 14 4.64 18.23 -18.14
CA VAL B 14 4.35 16.81 -18.13
C VAL B 14 3.55 16.52 -16.88
N ARG B 15 2.80 15.43 -16.95
CA ARG B 15 2.10 14.88 -15.80
C ARG B 15 2.78 13.55 -15.48
N CYS B 16 3.16 13.37 -14.22
CA CYS B 16 3.87 12.18 -13.81
C CYS B 16 3.28 11.64 -12.51
N SER B 17 3.40 10.35 -12.36
CA SER B 17 3.25 9.68 -11.07
C SER B 17 4.63 9.23 -10.61
N HIS B 18 4.77 9.04 -9.32
CA HIS B 18 6.04 8.51 -8.84
C HIS B 18 5.83 7.69 -7.58
N LEU B 19 6.87 6.92 -7.28
CA LEU B 19 6.99 6.18 -6.05
C LEU B 19 8.29 6.64 -5.41
N LEU B 20 8.19 7.20 -4.21
CA LEU B 20 9.35 7.68 -3.47
C LEU B 20 9.71 6.69 -2.36
N VAL B 21 10.97 6.33 -2.26
CA VAL B 21 11.47 5.61 -1.09
C VAL B 21 12.49 6.52 -0.43
N LYS B 22 12.17 6.98 0.79
CA LYS B 22 13.08 7.81 1.55
C LYS B 22 14.10 6.95 2.28
N HIS B 23 15.14 7.60 2.79
CA HIS B 23 16.14 6.95 3.62
C HIS B 23 16.52 7.91 4.75
N SER B 24 17.37 7.42 5.66
CA SER B 24 17.72 8.18 6.86
C SER B 24 18.49 9.45 6.55
N GLN B 25 18.97 9.64 5.33
CA GLN B 25 19.67 10.86 4.94
C GLN B 25 18.85 11.71 3.97
N SER B 26 17.57 11.39 3.81
CA SER B 26 16.64 12.24 3.08
C SER B 26 16.52 13.60 3.72
N ARG B 27 16.15 14.58 2.91
CA ARG B 27 15.92 15.94 3.41
C ARG B 27 14.93 15.95 4.58
N ARG B 28 13.85 15.18 4.47
CA ARG B 28 12.84 15.10 5.52
C ARG B 28 12.61 13.61 5.80
N PRO B 29 13.36 13.04 6.74
CA PRO B 29 13.30 11.58 6.94
C PRO B 29 12.11 11.15 7.80
N SER B 30 10.92 11.50 7.33
CA SER B 30 9.66 11.07 7.91
C SER B 30 8.68 11.03 6.75
N SER B 31 7.59 10.27 6.90
CA SER B 31 6.57 10.24 5.87
C SER B 31 5.22 9.95 6.50
N TRP B 32 4.17 10.05 5.68
CA TRP B 32 2.83 9.74 6.14
C TRP B 32 2.74 8.32 6.70
N ARG B 33 3.59 7.40 6.22
CA ARG B 33 3.47 6.00 6.59
C ARG B 33 4.49 5.57 7.65
N GLN B 34 5.45 6.43 8.00
CA GLN B 34 6.49 6.03 8.94
C GLN B 34 6.99 7.27 9.66
N GLU B 35 6.87 7.29 11.00
CA GLU B 35 7.19 8.50 11.74
C GLU B 35 8.66 8.88 11.57
N GLN B 36 9.53 7.88 11.48
CA GLN B 36 10.95 8.13 11.29
C GLN B 36 11.48 7.12 10.29
N ILE B 37 12.07 7.63 9.20
CA ILE B 37 12.67 6.76 8.20
C ILE B 37 14.00 6.28 8.76
N THR B 38 14.14 4.96 8.88
CA THR B 38 15.35 4.39 9.44
C THR B 38 16.20 3.64 8.42
N ARG B 39 15.66 3.37 7.23
CA ARG B 39 16.41 2.57 6.27
C ARG B 39 17.59 3.38 5.70
N THR B 40 18.63 2.66 5.31
CA THR B 40 19.79 3.26 4.69
C THR B 40 19.52 3.56 3.22
N GLN B 41 20.42 4.37 2.65
CA GLN B 41 20.37 4.66 1.22
C GLN B 41 20.43 3.38 0.42
N GLU B 42 21.34 2.46 0.79
CA GLU B 42 21.47 1.20 0.07
C GLU B 42 20.18 0.41 0.13
N GLU B 43 19.56 0.34 1.31
CA GLU B 43 18.28 -0.36 1.44
C GLU B 43 17.20 0.30 0.60
N ALA B 44 17.16 1.63 0.58
CA ALA B 44 16.16 2.31 -0.25
C ALA B 44 16.35 1.95 -1.71
N LEU B 45 17.59 1.93 -2.19
CA LEU B 45 17.79 1.60 -3.59
C LEU B 45 17.50 0.13 -3.87
N GLU B 46 17.75 -0.76 -2.90
CA GLU B 46 17.35 -2.15 -3.08
C GLU B 46 15.83 -2.27 -3.24
N LEU B 47 15.07 -1.54 -2.41
CA LEU B 47 13.62 -1.57 -2.53
C LEU B 47 13.18 -1.05 -3.89
N ILE B 48 13.76 0.08 -4.31
CA ILE B 48 13.44 0.68 -5.60
C ILE B 48 13.69 -0.31 -6.72
N ASN B 49 14.88 -0.93 -6.72
CA ASN B 49 15.19 -1.87 -7.79
C ASN B 49 14.29 -3.11 -7.72
N GLY B 50 13.91 -3.52 -6.51
CA GLY B 50 12.94 -4.60 -6.38
C GLY B 50 11.58 -4.24 -6.96
N TYR B 51 11.10 -3.03 -6.68
CA TYR B 51 9.86 -2.56 -7.30
C TYR B 51 9.98 -2.52 -8.83
N ILE B 52 11.08 -2.00 -9.36
CA ILE B 52 11.23 -1.93 -10.81
C ILE B 52 11.12 -3.32 -11.42
N GLN B 53 11.77 -4.30 -10.81
CA GLN B 53 11.74 -5.63 -11.40
C GLN B 53 10.36 -6.26 -11.31
N LYS B 54 9.63 -6.00 -10.23
CA LYS B 54 8.28 -6.55 -10.11
C LYS B 54 7.32 -5.88 -11.09
N ILE B 55 7.48 -4.59 -11.35
CA ILE B 55 6.67 -3.90 -12.35
C ILE B 55 6.98 -4.42 -13.75
N LYS B 56 8.27 -4.60 -14.07
CA LYS B 56 8.62 -5.14 -15.38
C LYS B 56 8.10 -6.56 -15.56
N SER B 57 8.13 -7.37 -14.51
CA SER B 57 7.68 -8.76 -14.66
C SER B 57 6.17 -8.86 -14.69
N GLY B 58 5.48 -7.83 -14.20
CA GLY B 58 4.05 -7.87 -14.08
C GLY B 58 3.53 -8.31 -12.74
N GLU B 59 4.43 -8.67 -11.81
CA GLU B 59 4.02 -9.14 -10.50
C GLU B 59 3.35 -8.05 -9.69
N GLU B 60 3.70 -6.78 -9.93
CA GLU B 60 3.11 -5.66 -9.22
C GLU B 60 2.76 -4.55 -10.20
N ASP B 61 1.76 -3.76 -9.82
CA ASP B 61 1.33 -2.60 -10.57
C ASP B 61 1.94 -1.34 -9.97
N PHE B 62 2.54 -0.49 -10.82
CA PHE B 62 3.21 0.73 -10.36
C PHE B 62 2.31 1.56 -9.43
N GLU B 63 1.08 1.83 -9.86
CA GLU B 63 0.24 2.75 -9.09
C GLU B 63 -0.26 2.09 -7.82
N SER B 64 -0.48 0.77 -7.83
CA SER B 64 -0.82 0.06 -6.60
C SER B 64 0.33 0.12 -5.59
N LEU B 65 1.56 -0.14 -6.05
CA LEU B 65 2.71 -0.01 -5.16
C LEU B 65 2.82 1.42 -4.64
N ALA B 66 2.62 2.42 -5.50
CA ALA B 66 2.80 3.79 -5.05
C ALA B 66 1.76 4.14 -3.99
N SER B 67 0.53 3.68 -4.16
CA SER B 67 -0.51 4.00 -3.19
C SER B 67 -0.25 3.36 -1.83
N GLN B 68 0.50 2.26 -1.78
CA GLN B 68 0.77 1.53 -0.54
C GLN B 68 2.09 1.91 0.12
N PHE B 69 3.13 2.15 -0.69
CA PHE B 69 4.48 2.15 -0.19
C PHE B 69 5.26 3.43 -0.46
N SER B 70 4.76 4.32 -1.30
CA SER B 70 5.48 5.56 -1.52
C SER B 70 5.52 6.39 -0.25
N ASP B 71 6.70 6.94 0.06
CA ASP B 71 6.87 7.84 1.19
C ASP B 71 6.43 9.25 0.88
N CYS B 72 5.96 9.53 -0.33
CA CYS B 72 5.41 10.82 -0.68
C CYS B 72 3.91 10.81 -0.41
N SER B 73 3.39 11.91 0.11
CA SER B 73 1.94 12.00 0.31
C SER B 73 1.14 11.85 -0.97
N SER B 74 1.77 11.96 -2.15
CA SER B 74 1.08 11.64 -3.40
C SER B 74 0.63 10.20 -3.46
N ALA B 75 1.08 9.34 -2.54
CA ALA B 75 0.55 7.99 -2.44
C ALA B 75 -0.97 8.01 -2.38
N LYS B 76 -1.55 9.02 -1.72
CA LYS B 76 -3.00 9.13 -1.62
C LYS B 76 -3.66 9.24 -2.99
N ALA B 77 -2.93 9.75 -3.98
CA ALA B 77 -3.42 9.89 -5.35
C ALA B 77 -2.81 8.85 -6.27
N ARG B 78 -2.47 7.69 -5.73
CA ARG B 78 -1.83 6.60 -6.46
C ARG B 78 -0.54 7.04 -7.13
N GLY B 79 0.16 7.97 -6.49
CA GLY B 79 1.44 8.46 -6.96
C GLY B 79 1.37 9.69 -7.85
N ASP B 80 0.17 10.09 -8.27
CA ASP B 80 0.02 11.17 -9.22
C ASP B 80 0.47 12.50 -8.61
N LEU B 81 1.40 13.17 -9.28
CA LEU B 81 1.83 14.50 -8.89
C LEU B 81 1.12 15.59 -9.68
N GLY B 82 0.32 15.20 -10.67
CA GLY B 82 -0.23 16.18 -11.57
C GLY B 82 0.83 16.74 -12.49
N ALA B 83 0.49 17.87 -13.10
CA ALA B 83 1.31 18.48 -14.13
C ALA B 83 2.31 19.43 -13.51
N PHE B 84 3.49 19.51 -14.13
CA PHE B 84 4.48 20.49 -13.73
C PHE B 84 5.35 20.88 -14.90
N SER B 85 5.87 22.10 -14.84
CA SER B 85 6.80 22.62 -15.82
C SER B 85 8.22 22.45 -15.29
N ARG B 86 9.19 22.80 -16.14
CA ARG B 86 10.55 22.90 -15.65
C ARG B 86 10.67 24.04 -14.65
N GLY B 87 11.67 23.94 -13.78
CA GLY B 87 11.94 24.97 -12.79
C GLY B 87 11.17 24.84 -11.50
N GLN B 88 10.42 23.76 -11.30
CA GLN B 88 9.60 23.58 -10.11
C GLN B 88 10.09 22.44 -9.24
N MET B 89 10.25 21.25 -9.82
CA MET B 89 10.72 20.08 -9.09
C MET B 89 12.23 20.13 -8.93
N GLN B 90 12.75 19.24 -8.10
CA GLN B 90 14.19 19.03 -8.03
C GLN B 90 14.73 18.71 -9.41
N LYS B 91 15.88 19.29 -9.74
CA LYS B 91 16.45 19.14 -11.08
C LYS B 91 16.55 17.70 -11.54
N PRO B 92 17.05 16.74 -10.76
CA PRO B 92 17.12 15.37 -11.27
C PRO B 92 15.77 14.77 -11.56
N PHE B 93 14.75 15.16 -10.79
CA PHE B 93 13.40 14.66 -11.02
C PHE B 93 12.84 15.25 -12.29
N GLU B 94 13.00 16.56 -12.45
CA GLU B 94 12.59 17.24 -13.67
C GLU B 94 13.26 16.62 -14.90
N ASP B 95 14.58 16.50 -14.86
CA ASP B 95 15.31 16.00 -16.02
C ASP B 95 14.83 14.61 -16.40
N ALA B 96 14.59 13.75 -15.41
CA ALA B 96 14.15 12.40 -15.73
C ALA B 96 12.73 12.41 -16.27
N SER B 97 11.86 13.25 -15.69
CA SER B 97 10.46 13.28 -16.09
C SER B 97 10.32 13.76 -17.53
N PHE B 98 11.03 14.84 -17.89
CA PHE B 98 10.89 15.38 -19.23
C PHE B 98 11.60 14.55 -20.28
N ALA B 99 12.43 13.60 -19.88
CA ALA B 99 13.08 12.68 -20.81
C ALA B 99 12.23 11.45 -21.08
N LEU B 100 11.15 11.26 -20.33
CA LEU B 100 10.27 10.12 -20.52
C LEU B 100 9.26 10.39 -21.62
N ARG B 101 8.93 9.35 -22.37
CA ARG B 101 7.73 9.38 -23.20
C ARG B 101 6.53 9.05 -22.34
N THR B 102 5.35 9.47 -22.79
CA THR B 102 4.15 9.10 -22.05
C THR B 102 4.05 7.59 -22.00
N GLY B 103 3.75 7.07 -20.81
CA GLY B 103 3.67 5.64 -20.61
C GLY B 103 4.99 5.00 -20.26
N GLU B 104 6.07 5.76 -20.22
CA GLU B 104 7.39 5.23 -19.92
C GLU B 104 7.71 5.40 -18.44
N MET B 105 8.44 4.44 -17.90
CA MET B 105 8.89 4.45 -16.52
C MET B 105 10.39 4.67 -16.44
N SER B 106 10.81 5.50 -15.49
CA SER B 106 12.21 5.75 -15.26
C SER B 106 12.87 4.58 -14.53
N GLY B 107 14.20 4.61 -14.48
CA GLY B 107 14.93 3.83 -13.50
C GLY B 107 15.02 4.62 -12.22
N PRO B 108 15.94 4.26 -11.32
CA PRO B 108 16.07 5.03 -10.07
C PRO B 108 16.47 6.46 -10.35
N VAL B 109 15.83 7.38 -9.63
CA VAL B 109 16.10 8.82 -9.74
C VAL B 109 16.37 9.33 -8.33
N PHE B 110 17.52 9.95 -8.13
CA PHE B 110 17.94 10.42 -6.81
C PHE B 110 17.71 11.92 -6.68
N THR B 111 17.02 12.32 -5.61
CA THR B 111 16.88 13.72 -5.26
C THR B 111 17.17 13.87 -3.77
N ASP B 112 17.18 15.11 -3.31
CA ASP B 112 17.35 15.32 -1.87
C ASP B 112 16.23 14.67 -1.07
N SER B 113 15.08 14.40 -1.70
CA SER B 113 13.99 13.76 -0.97
C SER B 113 14.22 12.27 -0.74
N GLY B 114 14.94 11.60 -1.64
CA GLY B 114 15.09 10.15 -1.59
C GLY B 114 15.27 9.60 -3.00
N ILE B 115 14.80 8.37 -3.20
CA ILE B 115 14.95 7.69 -4.47
C ILE B 115 13.58 7.45 -5.06
N HIS B 116 13.42 7.79 -6.35
CA HIS B 116 12.13 7.81 -7.01
C HIS B 116 12.13 6.83 -8.18
N ILE B 117 10.97 6.26 -8.45
CA ILE B 117 10.59 5.74 -9.77
C ILE B 117 9.51 6.68 -10.31
N ILE B 118 9.62 7.03 -11.58
CA ILE B 118 8.73 8.01 -12.21
C ILE B 118 8.03 7.35 -13.39
N LEU B 119 6.73 7.61 -13.51
CA LEU B 119 5.93 7.17 -14.64
C LEU B 119 5.28 8.40 -15.26
N ARG B 120 5.61 8.68 -16.52
CA ARG B 120 5.00 9.81 -17.20
C ARG B 120 3.64 9.40 -17.75
N THR B 121 2.61 10.20 -17.48
CA THR B 121 1.25 9.89 -17.94
C THR B 121 0.70 10.87 -18.96
N GLU B 122 1.20 12.10 -19.01
CA GLU B 122 0.82 13.08 -20.03
C GLU B 122 2.03 13.91 -20.40
#